data_8D3S
#
_entry.id   8D3S
#
_cell.length_a   72.514
_cell.length_b   72.514
_cell.length_c   66.205
_cell.angle_alpha   90.000
_cell.angle_beta   90.000
_cell.angle_gamma   120.000
#
_symmetry.space_group_name_H-M   'P 31 2 1'
#
loop_
_entity.id
_entity.type
_entity.pdbx_description
1 polymer Integrase
2 non-polymer '(2S)-tert-butoxy{4-(4-chlorophenyl)-2,6-dimethyl-1-[(1-methyl-1H-pyrazol-4-yl)methyl]-1H-pyrrolo[2,3-b]pyridin-5-yl}acetic acid'
3 water water
#
_entity_poly.entity_id   1
_entity_poly.type   'polypeptide(L)'
_entity_poly.pdbx_seq_one_letter_code
;MHGQVDCSPGIWQLDCTHLEGKVILVAVHVASGYIEAEVIPAETGQETAYFLLKLAGRWPVKTVHTDNGSNFTSTTVKAA
CWWAGIKQEFGIPYNPQSQGVIESMNKELKKIIGQVRDQAEHLKTAVQMAVFIHNHKRKGGIGGYSAGERIVDIIATDIQ
TKE
;
_entity_poly.pdbx_strand_id   A
#
loop_
_chem_comp.id
_chem_comp.type
_chem_comp.name
_chem_comp.formula
QD6 non-polymer '(2S)-tert-butoxy{4-(4-chlorophenyl)-2,6-dimethyl-1-[(1-methyl-1H-pyrazol-4-yl)methyl]-1H-pyrrolo[2,3-b]pyridin-5-yl}acetic acid' 'C26 H29 Cl N4 O3'
#
# COMPACT_ATOMS: atom_id res chain seq x y z
N CYS A 7 9.66 -13.59 2.28
CA CYS A 7 8.57 -14.36 1.63
C CYS A 7 8.66 -14.17 0.10
N SER A 8 7.68 -14.68 -0.66
CA SER A 8 7.67 -14.56 -2.14
C SER A 8 7.68 -13.06 -2.50
N PRO A 9 8.45 -12.64 -3.52
CA PRO A 9 8.61 -11.21 -3.86
C PRO A 9 7.42 -10.55 -4.56
N GLY A 10 6.41 -11.31 -4.98
CA GLY A 10 5.22 -10.78 -5.62
C GLY A 10 4.04 -10.59 -4.72
N ILE A 11 4.22 -10.78 -3.40
CA ILE A 11 3.12 -10.75 -2.44
C ILE A 11 2.99 -9.36 -1.81
N TRP A 12 1.77 -8.84 -1.83
CA TRP A 12 1.49 -7.54 -1.27
C TRP A 12 0.30 -7.74 -0.34
N GLN A 13 0.23 -6.93 0.70
CA GLN A 13 -0.94 -6.80 1.53
C GLN A 13 -1.53 -5.41 1.36
N LEU A 14 -2.86 -5.32 1.23
CA LEU A 14 -3.58 -4.08 1.08
C LEU A 14 -4.65 -3.97 2.14
N ASP A 15 -4.70 -2.86 2.87
CA ASP A 15 -5.72 -2.59 3.92
C ASP A 15 -6.15 -1.13 3.84
N CYS A 16 -7.30 -0.74 4.38
CA CYS A 16 -7.76 0.65 4.43
C CYS A 16 -7.85 1.02 5.92
N THR A 17 -7.16 2.06 6.31
CA THR A 17 -7.23 2.55 7.75
C THR A 17 -7.98 3.87 7.77
N HIS A 18 -8.27 4.42 8.95
CA HIS A 18 -9.03 5.65 9.13
C HIS A 18 -8.32 6.63 10.04
N LEU A 19 -8.39 7.91 9.65
CA LEU A 19 -7.76 8.98 10.43
C LEU A 19 -8.37 10.31 9.98
N GLU A 20 -8.81 11.13 10.94
CA GLU A 20 -9.38 12.45 10.72
C GLU A 20 -10.56 12.43 9.76
N GLY A 21 -11.34 11.34 9.81
CA GLY A 21 -12.50 11.21 8.95
C GLY A 21 -12.19 10.89 7.51
N LYS A 22 -10.96 10.50 7.21
CA LYS A 22 -10.56 10.15 5.85
C LYS A 22 -10.06 8.71 5.80
N VAL A 23 -9.85 8.17 4.60
CA VAL A 23 -9.44 6.78 4.45
C VAL A 23 -8.07 6.73 3.85
N ILE A 24 -7.18 5.96 4.49
CA ILE A 24 -5.84 5.71 3.97
C ILE A 24 -5.76 4.27 3.52
N LEU A 25 -5.38 4.06 2.27
CA LEU A 25 -5.18 2.73 1.72
C LEU A 25 -3.67 2.46 1.78
N VAL A 26 -3.30 1.36 2.40
CA VAL A 26 -1.91 1.05 2.70
C VAL A 26 -1.59 -0.28 2.03
N ALA A 27 -0.60 -0.27 1.15
CA ALA A 27 -0.06 -1.47 0.53
C ALA A 27 1.33 -1.75 1.11
N VAL A 28 1.54 -2.95 1.59
CA VAL A 28 2.82 -3.38 2.14
C VAL A 28 3.36 -4.52 1.28
N HIS A 29 4.58 -4.35 0.78
CA HIS A 29 5.34 -5.44 0.17
C HIS A 29 5.84 -6.34 1.30
N VAL A 30 5.26 -7.54 1.38
CA VAL A 30 5.43 -8.34 2.60
C VAL A 30 6.88 -8.67 2.84
N ALA A 31 7.58 -9.16 1.81
CA ALA A 31 8.96 -9.61 2.04
C ALA A 31 9.85 -8.49 2.58
N SER A 32 9.57 -7.24 2.21
CA SER A 32 10.50 -6.15 2.54
C SER A 32 10.01 -5.21 3.63
N GLY A 33 8.70 -5.11 3.87
CA GLY A 33 8.16 -3.99 4.66
C GLY A 33 8.03 -2.67 3.94
N TYR A 34 8.31 -2.61 2.64
CA TYR A 34 8.12 -1.37 1.90
C TYR A 34 6.65 -1.04 1.76
N ILE A 35 6.33 0.24 1.89
CA ILE A 35 4.95 0.71 1.93
C ILE A 35 4.67 1.67 0.77
N GLU A 36 3.45 1.63 0.25
CA GLU A 36 2.94 2.63 -0.73
C GLU A 36 1.54 2.99 -0.21
N ALA A 37 1.24 4.22 0.18
CA ALA A 37 -0.06 4.57 0.78
C ALA A 37 -0.68 5.75 0.02
N GLU A 38 -2.00 5.95 0.14
CA GLU A 38 -2.70 7.08 -0.52
C GLU A 38 -3.97 7.44 0.27
N VAL A 39 -4.32 8.70 0.41
CA VAL A 39 -5.60 9.11 1.05
C VAL A 39 -6.66 9.02 -0.06
N ILE A 40 -7.75 8.29 0.14
CA ILE A 40 -8.82 8.09 -0.87
C ILE A 40 -10.11 8.76 -0.37
N PRO A 41 -11.01 9.23 -1.27
CA PRO A 41 -12.21 9.94 -0.85
C PRO A 41 -13.11 9.00 -0.03
N ALA A 42 -13.26 7.74 -0.44
CA ALA A 42 -14.13 6.77 0.25
C ALA A 42 -13.64 5.32 0.08
N GLU A 43 -13.94 4.42 1.02
CA GLU A 43 -13.56 2.98 0.94
C GLU A 43 -14.47 2.36 -0.14
N THR A 44 -14.23 2.64 -1.42
CA THR A 44 -15.06 2.12 -2.54
C THR A 44 -14.24 1.14 -3.38
N GLY A 45 -14.90 0.23 -4.08
CA GLY A 45 -14.20 -0.72 -4.95
C GLY A 45 -13.58 -0.01 -6.13
N GLN A 46 -14.11 1.16 -6.55
CA GLN A 46 -13.47 1.88 -7.63
C GLN A 46 -12.10 2.36 -7.19
N GLU A 47 -12.00 2.83 -5.95
CA GLU A 47 -10.71 3.35 -5.45
C GLU A 47 -9.69 2.22 -5.29
N THR A 48 -10.12 1.09 -4.72
CA THR A 48 -9.25 -0.07 -4.57
C THR A 48 -8.76 -0.55 -5.93
N ALA A 49 -9.65 -0.57 -6.92
CA ALA A 49 -9.32 -1.05 -8.26
C ALA A 49 -8.27 -0.16 -8.92
N TYR A 50 -8.48 1.15 -8.80
CA TYR A 50 -7.55 2.12 -9.36
C TYR A 50 -6.19 2.01 -8.69
N PHE A 51 -6.18 1.93 -7.36
CA PHE A 51 -4.93 1.82 -6.57
C PHE A 51 -4.18 0.57 -7.05
N LEU A 52 -4.87 -0.55 -7.25
CA LEU A 52 -4.23 -1.83 -7.67
C LEU A 52 -3.65 -1.70 -9.09
N LEU A 53 -4.29 -0.96 -10.01
CA LEU A 53 -3.76 -0.74 -11.38
C LEU A 53 -2.46 0.07 -11.27
N LYS A 54 -2.44 1.11 -10.46
CA LYS A 54 -1.24 1.97 -10.27
C LYS A 54 -0.12 1.11 -9.66
N LEU A 55 -0.41 0.40 -8.58
CA LEU A 55 0.59 -0.40 -7.91
C LEU A 55 1.23 -1.39 -8.88
N ALA A 56 0.39 -2.12 -9.61
CA ALA A 56 0.87 -3.15 -10.52
C ALA A 56 1.67 -2.61 -11.70
N GLY A 57 1.50 -1.35 -12.04
CA GLY A 57 2.32 -0.81 -13.11
C GLY A 57 3.73 -0.46 -12.70
N ARG A 58 3.97 -0.38 -11.40
CA ARG A 58 5.19 0.07 -10.78
C ARG A 58 6.00 -1.07 -10.20
N TRP A 59 5.35 -2.13 -9.70
CA TRP A 59 5.98 -3.29 -9.14
C TRP A 59 5.36 -4.55 -9.75
N PRO A 60 6.13 -5.67 -9.75
CA PRO A 60 5.61 -6.94 -10.25
C PRO A 60 4.66 -7.55 -9.21
N VAL A 61 3.38 -7.12 -9.19
CA VAL A 61 2.41 -7.65 -8.22
C VAL A 61 1.85 -8.98 -8.72
N LYS A 62 2.12 -10.03 -7.99
CA LYS A 62 1.61 -11.37 -8.34
C LYS A 62 0.36 -11.72 -7.55
N THR A 63 0.45 -11.63 -6.21
CA THR A 63 -0.66 -11.98 -5.34
C THR A 63 -0.87 -10.86 -4.32
N VAL A 64 -2.14 -10.64 -3.95
CA VAL A 64 -2.50 -9.62 -2.97
C VAL A 64 -3.30 -10.23 -1.84
N HIS A 65 -2.91 -9.96 -0.59
CA HIS A 65 -3.62 -10.42 0.62
C HIS A 65 -4.27 -9.21 1.25
N THR A 66 -5.23 -9.39 2.11
CA THR A 66 -5.89 -8.33 2.84
C THR A 66 -6.40 -8.91 4.14
N ASP A 67 -6.64 -8.04 5.10
CA ASP A 67 -7.26 -8.46 6.35
C ASP A 67 -8.78 -8.34 6.32
N ASN A 68 -9.37 -7.82 5.24
CA ASN A 68 -10.83 -7.72 5.13
C ASN A 68 -11.16 -8.27 3.75
N GLY A 69 -11.46 -9.59 3.67
CA GLY A 69 -11.67 -10.22 2.39
C GLY A 69 -12.79 -9.61 1.56
N SER A 70 -13.84 -9.10 2.22
CA SER A 70 -14.89 -8.39 1.50
C SER A 70 -14.39 -7.17 0.73
N ASN A 71 -13.15 -6.69 1.01
CA ASN A 71 -12.60 -5.59 0.23
C ASN A 71 -12.55 -5.92 -1.27
N PHE A 72 -12.43 -7.21 -1.61
CA PHE A 72 -12.06 -7.68 -2.93
C PHE A 72 -13.25 -8.29 -3.68
N THR A 73 -14.49 -8.01 -3.25
CA THR A 73 -15.66 -8.66 -3.84
C THR A 73 -16.25 -7.90 -5.02
N SER A 74 -15.93 -6.61 -5.17
CA SER A 74 -16.59 -5.84 -6.23
C SER A 74 -16.13 -6.29 -7.61
N THR A 75 -17.03 -6.16 -8.56
CA THR A 75 -16.67 -6.51 -9.93
C THR A 75 -15.50 -5.67 -10.40
N THR A 76 -15.39 -4.44 -9.93
CA THR A 76 -14.37 -3.56 -10.48
C THR A 76 -13.00 -3.96 -9.98
N VAL A 77 -12.85 -4.31 -8.67
CA VAL A 77 -11.58 -4.83 -8.18
C VAL A 77 -11.20 -6.09 -8.96
N LYS A 78 -12.15 -7.00 -9.18
CA LYS A 78 -11.83 -8.21 -9.91
C LYS A 78 -11.41 -7.91 -11.34
N ALA A 79 -12.00 -6.89 -11.95
CA ALA A 79 -11.58 -6.50 -13.29
C ALA A 79 -10.13 -6.01 -13.28
N ALA A 80 -9.75 -5.20 -12.27
CA ALA A 80 -8.38 -4.72 -12.19
C ALA A 80 -7.39 -5.86 -11.98
N CYS A 81 -7.72 -6.81 -11.13
N CYS A 81 -7.72 -6.81 -11.13
CA CYS A 81 -6.85 -7.95 -10.90
CA CYS A 81 -6.85 -7.95 -10.90
C CYS A 81 -6.78 -8.85 -12.13
C CYS A 81 -6.78 -8.85 -12.13
N TRP A 82 -7.93 -9.06 -12.78
CA TRP A 82 -7.93 -9.80 -14.03
C TRP A 82 -6.97 -9.16 -15.03
N TRP A 83 -7.12 -7.86 -15.26
CA TRP A 83 -6.35 -7.21 -16.31
C TRP A 83 -4.86 -7.20 -16.03
N ALA A 84 -4.48 -6.96 -14.77
CA ALA A 84 -3.08 -6.85 -14.39
C ALA A 84 -2.43 -8.20 -14.12
N GLY A 85 -3.20 -9.29 -14.22
CA GLY A 85 -2.69 -10.61 -13.82
C GLY A 85 -2.42 -10.78 -12.35
N ILE A 86 -3.32 -10.32 -11.50
CA ILE A 86 -3.19 -10.48 -10.05
C ILE A 86 -4.10 -11.59 -9.56
N LYS A 87 -3.62 -12.34 -8.57
CA LYS A 87 -4.41 -13.38 -7.89
C LYS A 87 -4.46 -13.08 -6.40
N GLN A 88 -5.32 -13.81 -5.69
CA GLN A 88 -5.37 -13.73 -4.22
C GLN A 88 -4.71 -14.94 -3.52
N SER A 104 -0.38 -3.17 12.83
CA SER A 104 1.02 -3.69 12.79
C SER A 104 1.87 -2.72 11.97
N MET A 105 1.93 -2.86 10.64
CA MET A 105 2.63 -1.86 9.77
C MET A 105 1.68 -0.67 9.72
N ASN A 106 0.43 -0.88 10.13
CA ASN A 106 -0.59 0.21 10.00
C ASN A 106 -0.50 1.13 11.24
N LYS A 107 0.10 0.68 12.34
CA LYS A 107 0.24 1.49 13.59
C LYS A 107 1.65 2.08 13.64
N GLU A 108 2.61 1.52 12.90
CA GLU A 108 3.94 2.14 12.79
C GLU A 108 3.76 3.32 11.83
N LEU A 109 2.87 3.20 10.84
CA LEU A 109 2.57 4.29 9.93
C LEU A 109 1.75 5.37 10.61
N LYS A 110 0.74 4.99 11.41
CA LYS A 110 0.02 6.01 12.18
C LYS A 110 0.94 6.69 13.19
N LYS A 111 1.94 5.95 13.71
CA LYS A 111 2.92 6.55 14.60
C LYS A 111 3.71 7.64 13.88
N ILE A 112 4.23 7.34 12.69
CA ILE A 112 5.05 8.33 12.02
C ILE A 112 4.20 9.52 11.56
N ILE A 113 2.96 9.25 11.11
CA ILE A 113 2.07 10.33 10.70
C ILE A 113 1.88 11.31 11.84
N GLY A 114 1.56 10.80 13.06
CA GLY A 114 1.41 11.70 14.19
C GLY A 114 2.61 12.59 14.46
N GLN A 115 3.81 12.05 14.28
CA GLN A 115 5.02 12.85 14.52
C GLN A 115 5.18 14.01 13.54
N VAL A 116 4.81 13.80 12.27
CA VAL A 116 4.96 14.84 11.26
C VAL A 116 3.68 15.62 11.02
N ARG A 117 2.56 15.28 11.69
CA ARG A 117 1.26 15.86 11.31
C ARG A 117 1.27 17.39 11.38
N ASP A 118 1.90 17.97 12.39
CA ASP A 118 1.85 19.42 12.52
C ASP A 118 2.63 20.13 11.43
N GLN A 119 3.46 19.41 10.68
CA GLN A 119 4.33 19.98 9.65
C GLN A 119 3.66 20.07 8.29
N ALA A 120 2.41 19.62 8.18
CA ALA A 120 1.67 19.66 6.93
C ALA A 120 0.23 20.10 7.23
N GLU A 121 -0.34 20.88 6.30
CA GLU A 121 -1.76 21.21 6.38
C GLU A 121 -2.63 19.98 6.11
N HIS A 122 -2.43 19.33 4.96
CA HIS A 122 -3.30 18.23 4.56
C HIS A 122 -2.80 16.89 5.07
N LEU A 123 -3.75 16.06 5.49
CA LEU A 123 -3.40 14.71 5.92
C LEU A 123 -2.67 13.93 4.82
N LYS A 124 -3.09 14.14 3.56
CA LYS A 124 -2.50 13.40 2.41
C LYS A 124 -1.00 13.71 2.39
N THR A 125 -0.63 14.96 2.64
CA THR A 125 0.77 15.33 2.69
C THR A 125 1.50 14.63 3.85
N ALA A 126 0.89 14.63 5.02
CA ALA A 126 1.53 13.97 6.16
C ALA A 126 1.66 12.50 5.91
N VAL A 127 0.71 11.90 5.20
CA VAL A 127 0.82 10.49 4.83
C VAL A 127 2.05 10.27 3.94
N GLN A 128 2.19 11.06 2.88
CA GLN A 128 3.34 10.82 2.01
C GLN A 128 4.65 11.11 2.72
N MET A 129 4.69 12.08 3.61
CA MET A 129 5.90 12.24 4.42
C MET A 129 6.18 10.98 5.25
N ALA A 130 5.15 10.43 5.88
CA ALA A 130 5.34 9.25 6.71
C ALA A 130 5.82 8.04 5.88
N VAL A 131 5.29 7.86 4.68
CA VAL A 131 5.76 6.80 3.79
C VAL A 131 7.22 6.99 3.48
N PHE A 132 7.60 8.20 3.09
CA PHE A 132 9.02 8.52 2.90
C PHE A 132 9.86 8.12 4.11
N ILE A 133 9.47 8.58 5.30
CA ILE A 133 10.29 8.30 6.47
C ILE A 133 10.38 6.80 6.70
N HIS A 134 9.23 6.10 6.59
CA HIS A 134 9.24 4.66 6.81
C HIS A 134 10.19 3.95 5.86
N ASN A 135 10.08 4.27 4.54
CA ASN A 135 10.77 3.48 3.52
C ASN A 135 12.28 3.69 3.53
N HIS A 136 12.75 4.84 3.98
CA HIS A 136 14.18 5.12 4.04
C HIS A 136 14.81 4.92 5.42
N LYS A 137 14.03 4.59 6.44
CA LYS A 137 14.59 4.35 7.77
C LYS A 137 15.40 3.05 7.79
N ARG A 138 16.48 3.06 8.58
CA ARG A 138 17.25 1.84 8.82
C ARG A 138 17.17 1.36 10.25
N TYR A 145 19.72 -2.40 6.28
CA TYR A 145 19.17 -1.73 5.08
C TYR A 145 17.77 -1.15 5.36
N SER A 146 17.25 -0.27 4.51
CA SER A 146 15.90 0.26 4.62
C SER A 146 14.93 -0.61 3.81
N ALA A 147 13.63 -0.45 4.10
CA ALA A 147 12.63 -1.12 3.27
C ALA A 147 12.78 -0.77 1.78
N GLY A 148 13.00 0.51 1.47
CA GLY A 148 13.25 0.90 0.08
C GLY A 148 14.41 0.15 -0.57
N GLU A 149 15.50 -0.03 0.18
CA GLU A 149 16.62 -0.78 -0.37
C GLU A 149 16.32 -2.25 -0.47
N ARG A 150 15.58 -2.81 0.51
CA ARG A 150 15.30 -4.24 0.46
C ARG A 150 14.39 -4.60 -0.71
N ILE A 151 13.35 -3.79 -0.99
CA ILE A 151 12.43 -4.17 -2.05
C ILE A 151 13.14 -4.19 -3.41
N VAL A 152 14.06 -3.26 -3.66
CA VAL A 152 14.73 -3.29 -4.97
C VAL A 152 15.72 -4.47 -5.03
N ASP A 153 16.46 -4.72 -3.96
CA ASP A 153 17.33 -5.91 -3.89
C ASP A 153 16.53 -7.20 -4.09
N ILE A 154 15.43 -7.36 -3.37
CA ILE A 154 14.62 -8.59 -3.46
C ILE A 154 14.11 -8.79 -4.88
N ILE A 155 13.71 -7.71 -5.55
CA ILE A 155 13.07 -7.84 -6.86
C ILE A 155 14.11 -8.01 -7.96
N ALA A 156 15.22 -7.26 -7.87
CA ALA A 156 16.31 -7.44 -8.84
C ALA A 156 16.88 -8.86 -8.76
N THR A 157 17.16 -9.30 -7.55
CA THR A 157 17.68 -10.65 -7.36
C THR A 157 16.77 -11.67 -8.01
N ASP A 158 15.45 -11.48 -7.88
CA ASP A 158 14.49 -12.44 -8.44
C ASP A 158 14.60 -12.50 -9.96
N ILE A 159 14.81 -11.35 -10.59
CA ILE A 159 14.85 -11.27 -12.06
C ILE A 159 15.98 -12.13 -12.66
C10 QD6 B . 1.65 22.26 1.49
C15 QD6 B . 3.47 23.98 1.34
C17 QD6 B . 4.43 26.12 1.07
C20 QD6 B . 2.24 27.54 0.67
C21 QD6 B . 2.15 28.21 2.16
C22 QD6 B . 2.61 29.56 2.56
C24 QD6 B . 2.64 30.93 4.75
C26 QD6 B . 1.60 27.59 3.38
C28 QD6 B . 4.15 21.49 1.80
C02 QD6 B . 0.58 20.65 2.94
C04 QD6 B . 1.23 20.80 1.69
C06 QD6 B . 0.88 20.17 -0.71
C07 QD6 B . 2.13 19.17 -0.60
C08 QD6 B . 1.29 21.49 -1.54
C09 QD6 B . -0.34 19.43 -1.39
C11 QD6 B . 0.65 23.30 1.25
C12 QD6 B . -0.93 22.96 1.16
C14 QD6 B . 2.44 24.96 1.13
C16 QD6 B . 4.78 24.71 1.36
C18 QD6 B . 5.50 27.37 0.96
C27 QD6 B . 3.04 22.59 1.55
C29 QD6 B . 5.17 21.28 0.82
C30 QD6 B . 6.17 20.27 1.04
C31 QD6 B . 6.11 19.58 2.27
C33 QD6 B . 5.07 19.77 3.29
C34 QD6 B . 4.08 20.75 3.03
N13 QD6 B . 1.08 24.61 1.07
N19 QD6 B . 3.05 26.23 0.93
N23 QD6 B . 2.33 29.67 3.91
N25 QD6 B . 1.74 28.51 4.42
O01 QD6 B . 1.01 21.29 4.00
O03 QD6 B . -0.40 19.85 3.02
O05 QD6 B . 0.33 20.55 0.67
CL32 QD6 B . 7.35 18.33 2.65
H202 QD6 B . 1.19 27.31 0.26
H201 QD6 B . 2.79 28.22 -0.07
H221 QD6 B . 3.09 30.34 1.88
H243 QD6 B . 2.92 31.79 4.06
H242 QD6 B . 3.50 30.72 5.47
H241 QD6 B . 1.71 31.23 5.35
H261 QD6 B . 1.14 26.54 3.45
H041 QD6 B . 2.16 20.04 1.67
H072 QD6 B . 2.28 18.64 -1.60
H071 QD6 B . 1.94 18.40 0.22
H073 QD6 B . 3.07 19.77 -0.34
H082 QD6 B . 1.37 21.24 -2.63
H081 QD6 B . 2.28 21.89 -1.16
H083 QD6 B . 0.48 22.29 -1.39
H092 QD6 B . -0.36 19.67 -2.50
H093 QD6 B . -1.31 19.79 -0.92
H091 QD6 B . -0.25 18.32 -1.24
H122 QD6 B . -1.53 23.93 1.15
H121 QD6 B . -1.25 22.34 2.07
H123 QD6 B . -1.14 22.36 0.21
H161 QD6 B . 5.81 24.27 1.55
H183 QD6 B . 5.18 28.21 1.66
H182 QD6 B . 5.52 27.75 -0.12
H181 QD6 B . 6.55 27.00 1.24
H291 QD6 B . 5.19 21.90 -0.13
H301 QD6 B . 6.97 20.05 0.26
H331 QD6 B . 5.06 19.15 4.24
H341 QD6 B . 3.26 20.95 3.79
#